data_1KQY
#
_entry.id   1KQY
#
_cell.length_a   51.480
_cell.length_b   56.945
_cell.length_c   81.338
_cell.angle_alpha   90.00
_cell.angle_beta   90.00
_cell.angle_gamma   90.00
#
_symmetry.space_group_name_H-M   'P 21 21 21'
#
loop_
_entity.id
_entity.type
_entity.pdbx_description
1 polymer 'Hevamine A'
2 branched 2-acetamido-2-deoxy-beta-D-glucopyranose-(1-4)-2-acetamido-2-deoxy-beta-D-glucopyranose-(1-4)-2-acetamido-2-deoxy-beta-D-glucopyranose-(1-4)-2-acetamido-2-deoxy-beta-D-glucopyranose-(1-4)-2-acetamido-2-deoxy-beta-D-glucopyranose
3 non-polymer 'SULFATE ION'
4 non-polymer GLYCEROL
5 water water
#
_entity_poly.entity_id   1
_entity_poly.type   'polypeptide(L)'
_entity_poly.pdbx_seq_one_letter_code
;GGIAIYWGQNGNEGTLTQTCSTRKYSYVNIAFLNKFGNGQTPQINLAGHCNPAAGGCTIVSNGIRSCQIQGIKVMLSLGG
GIGSYTLASQADAKNVADYLWNNFLGGKSSSRPLGDAVLDGIDFAIAHGSTLYWDDLARYLSAYSKQGKKVYLTAAPQCP
FPDRYLGTALNTGLFDYVWVQFFNNPPCQYSSGNINNIINSWNRWTTSINAGKIFLGLPAAPEAAGSGYVPPDVLISRIL
PEIKKSPKYGGVMLWSKFYDDKNGYSSSILDSV
;
_entity_poly.pdbx_strand_id   A
#
loop_
_chem_comp.id
_chem_comp.type
_chem_comp.name
_chem_comp.formula
GOL non-polymer GLYCEROL 'C3 H8 O3'
NAG D-saccharide, beta linking 2-acetamido-2-deoxy-beta-D-glucopyranose 'C8 H15 N O6'
SO4 non-polymer 'SULFATE ION' 'O4 S -2'
#
# COMPACT_ATOMS: atom_id res chain seq x y z
N GLY A 1 4.36 16.52 -4.31
CA GLY A 1 4.32 15.28 -3.56
C GLY A 1 5.13 14.18 -4.21
N GLY A 2 4.84 12.93 -3.85
CA GLY A 2 5.54 11.80 -4.41
C GLY A 2 4.60 10.70 -4.87
N ILE A 3 5.15 9.69 -5.56
CA ILE A 3 4.34 8.58 -6.05
C ILE A 3 4.61 7.29 -5.28
N ALA A 4 3.54 6.62 -4.87
CA ALA A 4 3.63 5.36 -4.17
C ALA A 4 3.30 4.28 -5.20
N ILE A 5 4.08 3.20 -5.21
CA ILE A 5 3.87 2.14 -6.19
C ILE A 5 3.77 0.77 -5.55
N TYR A 6 2.93 -0.09 -6.12
CA TYR A 6 2.81 -1.45 -5.64
C TYR A 6 3.63 -2.38 -6.52
N TRP A 7 4.51 -3.15 -5.91
CA TRP A 7 5.37 -4.07 -6.63
C TRP A 7 5.23 -5.48 -6.06
N GLY A 8 5.30 -6.48 -6.94
CA GLY A 8 5.24 -7.86 -6.46
C GLY A 8 4.21 -8.79 -7.07
N GLN A 9 3.24 -8.25 -7.81
CA GLN A 9 2.19 -9.10 -8.38
C GLN A 9 2.30 -9.49 -9.85
N ASN A 10 3.46 -9.27 -10.44
CA ASN A 10 3.71 -9.69 -11.82
C ASN A 10 5.21 -9.84 -12.04
N GLY A 11 5.65 -11.09 -12.15
CA GLY A 11 7.07 -11.37 -12.32
C GLY A 11 7.78 -10.69 -13.48
N ASN A 12 7.03 -10.13 -14.42
CA ASN A 12 7.61 -9.47 -15.57
C ASN A 12 7.77 -7.95 -15.40
N GLU A 13 7.42 -7.46 -14.22
CA GLU A 13 7.47 -6.02 -13.97
C GLU A 13 8.84 -5.49 -13.52
N GLY A 14 9.84 -6.37 -13.51
CA GLY A 14 11.18 -5.95 -13.11
C GLY A 14 11.45 -6.19 -11.64
N THR A 15 12.72 -6.18 -11.26
CA THR A 15 13.11 -6.40 -9.87
C THR A 15 12.75 -5.20 -8.99
N LEU A 16 12.78 -5.41 -7.68
CA LEU A 16 12.49 -4.34 -6.74
C LEU A 16 13.58 -3.28 -6.87
N THR A 17 14.81 -3.73 -7.06
CA THR A 17 15.95 -2.82 -7.22
C THR A 17 15.73 -1.94 -8.44
N GLN A 18 15.34 -2.55 -9.56
CA GLN A 18 15.10 -1.80 -10.79
C GLN A 18 13.93 -0.84 -10.59
N THR A 19 12.90 -1.29 -9.89
CA THR A 19 11.72 -0.46 -9.64
C THR A 19 12.10 0.83 -8.92
N CYS A 20 12.91 0.73 -7.87
CA CYS A 20 13.32 1.91 -7.12
C CYS A 20 14.35 2.75 -7.86
N SER A 21 15.13 2.11 -8.72
CA SER A 21 16.16 2.81 -9.46
C SER A 21 15.58 3.74 -10.53
N THR A 22 14.29 3.62 -10.79
CA THR A 22 13.64 4.47 -11.79
C THR A 22 13.62 5.93 -11.32
N ARG A 23 13.76 6.12 -10.02
CA ARG A 23 13.77 7.45 -9.41
C ARG A 23 12.41 8.14 -9.53
N LYS A 24 11.36 7.36 -9.80
CA LYS A 24 10.02 7.93 -9.94
C LYS A 24 9.14 7.68 -8.72
N TYR A 25 9.51 6.69 -7.90
CA TYR A 25 8.72 6.32 -6.74
C TYR A 25 9.34 6.73 -5.41
N SER A 26 8.50 7.26 -4.52
CA SER A 26 8.95 7.68 -3.19
C SER A 26 8.59 6.62 -2.15
N TYR A 27 7.61 5.77 -2.48
CA TYR A 27 7.19 4.70 -1.58
C TYR A 27 6.93 3.44 -2.38
N VAL A 28 7.31 2.30 -1.82
CA VAL A 28 7.08 1.01 -2.47
C VAL A 28 6.38 0.06 -1.52
N ASN A 29 5.25 -0.47 -1.95
CA ASN A 29 4.49 -1.43 -1.16
C ASN A 29 4.66 -2.81 -1.79
N ILE A 30 5.25 -3.73 -1.02
CA ILE A 30 5.47 -5.09 -1.51
C ILE A 30 4.18 -5.89 -1.33
N ALA A 31 3.58 -6.29 -2.44
CA ALA A 31 2.33 -7.03 -2.43
C ALA A 31 2.52 -8.49 -2.84
N PHE A 32 2.02 -9.45 -2.06
CA PHE A 32 1.25 -9.23 -0.83
C PHE A 32 1.55 -10.35 0.16
N LEU A 33 1.25 -10.10 1.43
CA LEU A 33 1.28 -11.15 2.44
C LEU A 33 -0.23 -11.39 2.47
N ASN A 34 -0.71 -12.24 1.57
CA ASN A 34 -2.15 -12.46 1.41
C ASN A 34 -2.74 -13.60 2.23
N LYS A 35 -1.95 -14.18 3.14
CA LYS A 35 -2.45 -15.26 3.97
C LYS A 35 -1.89 -15.16 5.38
N PHE A 36 -2.78 -15.08 6.36
CA PHE A 36 -2.42 -14.99 7.77
C PHE A 36 -3.67 -14.92 8.62
N GLY A 37 -3.51 -15.10 9.92
CA GLY A 37 -4.64 -15.04 10.82
C GLY A 37 -5.40 -16.35 10.96
N ASN A 38 -6.13 -16.48 12.05
CA ASN A 38 -6.94 -17.67 12.33
C ASN A 38 -6.12 -18.96 12.39
N GLY A 39 -4.87 -18.84 12.86
CA GLY A 39 -4.02 -20.01 12.98
C GLY A 39 -3.27 -20.41 11.72
N GLN A 40 -3.51 -19.70 10.62
CA GLN A 40 -2.85 -20.02 9.36
C GLN A 40 -1.39 -19.59 9.43
N THR A 41 -0.53 -20.33 8.74
CA THR A 41 0.88 -19.96 8.68
C THR A 41 0.95 -18.82 7.67
N PRO A 42 1.47 -17.66 8.09
CA PRO A 42 1.56 -16.52 7.18
C PRO A 42 2.32 -16.88 5.90
N GLN A 43 1.79 -16.46 4.77
CA GLN A 43 2.44 -16.75 3.50
C GLN A 43 2.44 -15.53 2.58
N ILE A 44 3.57 -15.29 1.94
CA ILE A 44 3.69 -14.17 1.03
C ILE A 44 3.58 -14.65 -0.41
N ASN A 45 3.00 -13.82 -1.26
CA ASN A 45 2.86 -14.15 -2.68
C ASN A 45 3.45 -13.01 -3.48
N LEU A 46 4.50 -13.31 -4.25
CA LEU A 46 5.12 -12.30 -5.11
C LEU A 46 5.08 -12.74 -6.55
N ALA A 47 3.93 -13.31 -6.94
CA ALA A 47 3.74 -13.77 -8.31
C ALA A 47 4.92 -14.59 -8.80
N GLY A 48 5.40 -14.30 -10.01
CA GLY A 48 6.49 -15.05 -10.58
C GLY A 48 7.88 -14.55 -10.19
N HIS A 49 7.94 -13.57 -9.29
CA HIS A 49 9.22 -13.01 -8.87
C HIS A 49 10.10 -14.05 -8.17
N CYS A 50 9.56 -14.70 -7.16
CA CYS A 50 10.32 -15.68 -6.38
C CYS A 50 9.36 -16.56 -5.60
N ASN A 51 9.84 -17.74 -5.21
CA ASN A 51 9.05 -18.67 -4.41
C ASN A 51 9.58 -18.49 -2.99
N PRO A 52 8.71 -18.03 -2.06
CA PRO A 52 9.12 -17.81 -0.67
C PRO A 52 9.63 -19.04 0.08
N ALA A 53 9.31 -20.23 -0.42
CA ALA A 53 9.74 -21.47 0.22
C ALA A 53 11.26 -21.56 0.35
N ALA A 54 11.73 -22.10 1.46
CA ALA A 54 13.16 -22.28 1.71
C ALA A 54 13.97 -21.01 1.46
N GLY A 55 13.42 -19.88 1.87
CA GLY A 55 14.13 -18.62 1.69
C GLY A 55 14.36 -18.24 0.23
N GLY A 56 13.46 -18.69 -0.64
CA GLY A 56 13.60 -18.39 -2.06
C GLY A 56 13.34 -16.94 -2.40
N CYS A 57 12.78 -16.17 -1.46
CA CYS A 57 12.50 -14.76 -1.69
C CYS A 57 13.34 -13.85 -0.80
N THR A 58 14.30 -14.43 -0.07
CA THR A 58 15.14 -13.63 0.81
C THR A 58 15.99 -12.66 0.00
N ILE A 59 16.14 -12.96 -1.29
CA ILE A 59 16.92 -12.11 -2.19
C ILE A 59 16.29 -10.71 -2.27
N VAL A 60 15.00 -10.62 -1.95
CA VAL A 60 14.30 -9.35 -1.99
C VAL A 60 14.93 -8.32 -1.04
N SER A 61 15.61 -8.79 -0.01
CA SER A 61 16.27 -7.89 0.93
C SER A 61 17.25 -6.96 0.23
N ASN A 62 17.80 -7.40 -0.89
CA ASN A 62 18.74 -6.56 -1.63
C ASN A 62 17.99 -5.39 -2.25
N GLY A 63 16.78 -5.65 -2.75
CA GLY A 63 15.97 -4.60 -3.33
C GLY A 63 15.49 -3.64 -2.26
N ILE A 64 15.09 -4.20 -1.12
CA ILE A 64 14.62 -3.39 -0.01
C ILE A 64 15.70 -2.41 0.43
N ARG A 65 16.91 -2.91 0.65
CA ARG A 65 18.02 -2.07 1.07
C ARG A 65 18.39 -1.05 0.00
N SER A 66 18.35 -1.48 -1.26
CA SER A 66 18.67 -0.59 -2.37
C SER A 66 17.69 0.60 -2.40
N CYS A 67 16.42 0.31 -2.14
CA CYS A 67 15.40 1.35 -2.12
C CYS A 67 15.61 2.30 -0.94
N GLN A 68 15.85 1.74 0.23
CA GLN A 68 16.03 2.52 1.44
C GLN A 68 17.21 3.48 1.41
N ILE A 69 18.32 3.07 0.84
CA ILE A 69 19.48 3.96 0.78
C ILE A 69 19.20 5.13 -0.16
N GLN A 70 18.19 4.95 -1.02
CA GLN A 70 17.78 5.98 -1.96
C GLN A 70 16.65 6.81 -1.36
N GLY A 71 16.42 6.66 -0.06
CA GLY A 71 15.41 7.43 0.63
C GLY A 71 13.97 6.99 0.44
N ILE A 72 13.78 5.83 -0.19
CA ILE A 72 12.44 5.31 -0.44
C ILE A 72 11.97 4.39 0.69
N LYS A 73 10.77 4.67 1.20
CA LYS A 73 10.20 3.84 2.27
C LYS A 73 9.55 2.61 1.66
N VAL A 74 9.87 1.44 2.21
CA VAL A 74 9.33 0.19 1.71
C VAL A 74 8.47 -0.49 2.77
N MET A 75 7.22 -0.79 2.41
CA MET A 75 6.29 -1.43 3.33
C MET A 75 5.87 -2.82 2.83
N LEU A 76 5.50 -3.68 3.76
CA LEU A 76 4.97 -5.00 3.42
C LEU A 76 3.47 -4.80 3.39
N SER A 77 2.83 -5.14 2.28
CA SER A 77 1.39 -4.95 2.16
C SER A 77 0.61 -6.20 2.55
N LEU A 78 -0.29 -6.03 3.51
CA LEU A 78 -1.12 -7.13 4.00
C LEU A 78 -2.43 -7.16 3.23
N GLY A 79 -2.86 -8.34 2.83
CA GLY A 79 -4.13 -8.47 2.14
C GLY A 79 -4.10 -8.55 0.63
N GLY A 80 -4.79 -7.62 -0.01
CA GLY A 80 -4.85 -7.61 -1.47
C GLY A 80 -6.18 -8.17 -1.95
N GLY A 81 -6.35 -8.21 -3.27
CA GLY A 81 -7.59 -8.70 -3.84
C GLY A 81 -7.82 -10.20 -3.70
N ILE A 82 -6.75 -10.96 -3.46
CA ILE A 82 -6.87 -12.41 -3.34
C ILE A 82 -6.13 -12.95 -2.10
N GLY A 83 -6.82 -13.74 -1.29
CA GLY A 83 -6.20 -14.31 -0.11
C GLY A 83 -7.18 -14.66 0.99
N SER A 84 -6.75 -15.53 1.89
CA SER A 84 -7.60 -15.95 3.02
C SER A 84 -7.21 -15.22 4.29
N TYR A 85 -6.49 -14.11 4.13
CA TYR A 85 -6.06 -13.31 5.27
C TYR A 85 -7.25 -12.89 6.11
N THR A 86 -7.05 -12.81 7.42
CA THR A 86 -8.11 -12.43 8.33
C THR A 86 -7.58 -12.28 9.76
N LEU A 87 -8.47 -11.89 10.67
CA LEU A 87 -8.15 -11.77 12.09
C LEU A 87 -9.37 -12.30 12.82
N ALA A 88 -9.20 -13.41 13.54
CA ALA A 88 -10.31 -14.04 14.25
C ALA A 88 -10.64 -13.38 15.58
N SER A 89 -9.68 -12.66 16.14
CA SER A 89 -9.87 -12.02 17.44
C SER A 89 -8.78 -10.98 17.71
N GLN A 90 -8.82 -10.37 18.89
CA GLN A 90 -7.81 -9.41 19.26
C GLN A 90 -6.49 -10.14 19.53
N ALA A 91 -6.61 -11.36 20.04
CA ALA A 91 -5.44 -12.18 20.32
C ALA A 91 -4.73 -12.47 19.00
N ASP A 92 -5.52 -12.65 17.95
CA ASP A 92 -5.00 -12.93 16.63
C ASP A 92 -4.21 -11.70 16.14
N ALA A 93 -4.75 -10.52 16.40
CA ALA A 93 -4.09 -9.28 16.00
C ALA A 93 -2.73 -9.18 16.68
N LYS A 94 -2.65 -9.64 17.92
CA LYS A 94 -1.41 -9.60 18.68
C LYS A 94 -0.39 -10.55 18.08
N ASN A 95 -0.83 -11.77 17.79
CA ASN A 95 0.03 -12.80 17.22
C ASN A 95 0.57 -12.37 15.86
N VAL A 96 -0.28 -11.82 15.02
CA VAL A 96 0.12 -11.37 13.70
C VAL A 96 1.13 -10.22 13.80
N ALA A 97 0.87 -9.30 14.73
CA ALA A 97 1.76 -8.17 14.94
C ALA A 97 3.14 -8.66 15.40
N ASP A 98 3.15 -9.60 16.35
CA ASP A 98 4.41 -10.15 16.85
C ASP A 98 5.12 -10.89 15.73
N TYR A 99 4.35 -11.60 14.91
CA TYR A 99 4.91 -12.33 13.78
C TYR A 99 5.57 -11.35 12.82
N LEU A 100 4.83 -10.30 12.46
CA LEU A 100 5.33 -9.28 11.54
C LEU A 100 6.60 -8.62 12.07
N TRP A 101 6.63 -8.36 13.37
CA TRP A 101 7.80 -7.74 13.98
C TRP A 101 9.04 -8.62 13.83
N ASN A 102 8.91 -9.90 14.16
CA ASN A 102 10.03 -10.82 14.08
C ASN A 102 10.42 -11.23 12.66
N ASN A 103 9.46 -11.21 11.74
CA ASN A 103 9.74 -11.66 10.38
C ASN A 103 9.93 -10.57 9.32
N PHE A 104 9.55 -9.34 9.64
CA PHE A 104 9.67 -8.25 8.67
C PHE A 104 10.23 -6.97 9.26
N LEU A 105 10.14 -6.83 10.58
CA LEU A 105 10.61 -5.61 11.23
C LEU A 105 11.86 -5.86 12.10
N GLY A 106 12.00 -5.10 13.17
CA GLY A 106 13.15 -5.22 14.04
C GLY A 106 13.29 -6.47 14.87
N GLY A 107 12.34 -7.40 14.74
CA GLY A 107 12.41 -8.62 15.52
C GLY A 107 13.39 -9.65 14.97
N LYS A 108 13.33 -10.87 15.47
CA LYS A 108 14.24 -11.92 15.02
C LYS A 108 13.51 -13.20 14.61
N SER A 109 13.98 -13.79 13.51
CA SER A 109 13.41 -15.03 13.00
C SER A 109 14.43 -15.75 12.13
N SER A 110 14.38 -17.07 12.14
CA SER A 110 15.28 -17.88 11.33
C SER A 110 14.67 -18.13 9.96
N SER A 111 13.46 -17.61 9.75
CA SER A 111 12.76 -17.80 8.49
C SER A 111 12.04 -16.55 8.00
N ARG A 112 12.73 -15.41 7.99
CA ARG A 112 12.15 -14.17 7.51
C ARG A 112 11.92 -14.33 6.00
N PRO A 113 10.66 -14.29 5.55
CA PRO A 113 10.26 -14.44 4.14
C PRO A 113 11.04 -13.62 3.11
N LEU A 114 11.29 -12.35 3.42
CA LEU A 114 11.99 -11.49 2.48
C LEU A 114 13.43 -11.19 2.86
N GLY A 115 13.98 -11.97 3.78
CA GLY A 115 15.37 -11.77 4.17
C GLY A 115 15.57 -10.99 5.45
N ASP A 116 16.83 -10.64 5.71
CA ASP A 116 17.22 -9.92 6.92
C ASP A 116 16.95 -8.42 6.88
N ALA A 117 16.61 -7.88 5.71
CA ALA A 117 16.34 -6.46 5.61
C ALA A 117 15.16 -6.11 6.53
N VAL A 118 15.18 -4.90 7.08
CA VAL A 118 14.11 -4.45 7.97
C VAL A 118 13.21 -3.45 7.25
N LEU A 119 11.96 -3.84 7.01
CA LEU A 119 11.00 -2.98 6.33
C LEU A 119 10.71 -1.73 7.15
N ASP A 120 10.35 -0.65 6.45
CA ASP A 120 10.04 0.61 7.09
C ASP A 120 8.69 0.57 7.81
N GLY A 121 7.76 -0.22 7.28
CA GLY A 121 6.46 -0.31 7.91
C GLY A 121 5.53 -1.36 7.33
N ILE A 122 4.27 -1.28 7.71
CA ILE A 122 3.25 -2.23 7.26
C ILE A 122 2.12 -1.50 6.55
N ASP A 123 1.71 -2.04 5.40
CA ASP A 123 0.63 -1.45 4.62
C ASP A 123 -0.62 -2.31 4.74
N PHE A 124 -1.75 -1.67 5.05
CA PHE A 124 -3.02 -2.36 5.20
C PHE A 124 -3.85 -2.31 3.92
N ALA A 125 -3.91 -3.42 3.20
CA ALA A 125 -4.69 -3.51 1.97
C ALA A 125 -5.82 -4.50 2.18
N ILE A 126 -6.57 -4.31 3.26
CA ILE A 126 -7.67 -5.20 3.63
C ILE A 126 -8.94 -4.88 2.84
N ALA A 127 -9.35 -5.79 1.98
CA ALA A 127 -10.51 -5.58 1.13
C ALA A 127 -11.70 -6.51 1.42
N HIS A 128 -11.43 -7.65 2.05
CA HIS A 128 -12.48 -8.60 2.35
C HIS A 128 -12.15 -9.43 3.58
N GLY A 129 -13.07 -10.29 3.98
CA GLY A 129 -12.86 -11.13 5.14
C GLY A 129 -13.39 -10.50 6.41
N SER A 130 -12.54 -10.43 7.43
CA SER A 130 -12.91 -9.85 8.72
C SER A 130 -12.84 -8.33 8.70
N THR A 131 -13.86 -7.69 9.28
CA THR A 131 -13.91 -6.23 9.36
C THR A 131 -13.46 -5.81 10.75
N LEU A 132 -13.14 -6.78 11.59
CA LEU A 132 -12.74 -6.50 12.97
C LEU A 132 -11.26 -6.72 13.29
N TYR A 133 -10.84 -6.05 14.36
CA TYR A 133 -9.48 -6.19 14.92
C TYR A 133 -8.34 -5.56 14.15
N TRP A 134 -8.63 -4.89 13.03
CA TRP A 134 -7.56 -4.26 12.27
C TRP A 134 -7.02 -3.04 12.99
N ASP A 135 -7.84 -2.46 13.86
CA ASP A 135 -7.42 -1.31 14.66
C ASP A 135 -6.47 -1.81 15.75
N ASP A 136 -6.71 -3.02 16.23
CA ASP A 136 -5.85 -3.63 17.24
C ASP A 136 -4.49 -3.92 16.63
N LEU A 137 -4.50 -4.48 15.42
CA LEU A 137 -3.25 -4.80 14.73
C LEU A 137 -2.42 -3.53 14.56
N ALA A 138 -3.07 -2.46 14.13
CA ALA A 138 -2.39 -1.19 13.95
C ALA A 138 -1.77 -0.71 15.26
N ARG A 139 -2.55 -0.75 16.34
CA ARG A 139 -2.04 -0.34 17.64
C ARG A 139 -0.85 -1.16 18.11
N TYR A 140 -0.94 -2.48 17.97
CA TYR A 140 0.16 -3.34 18.41
C TYR A 140 1.43 -3.09 17.60
N LEU A 141 1.28 -2.95 16.28
CA LEU A 141 2.41 -2.70 15.41
C LEU A 141 3.06 -1.37 15.75
N SER A 142 2.24 -0.35 15.97
CA SER A 142 2.71 0.99 16.27
C SER A 142 3.53 1.05 17.57
N ALA A 143 3.13 0.26 18.56
CA ALA A 143 3.82 0.25 19.85
C ALA A 143 5.27 -0.20 19.73
N TYR A 144 5.55 -1.05 18.74
CA TYR A 144 6.90 -1.54 18.52
C TYR A 144 7.88 -0.42 18.19
N SER A 145 7.35 0.72 17.75
CA SER A 145 8.17 1.87 17.41
C SER A 145 8.93 2.36 18.64
N LYS A 146 8.40 2.08 19.82
CA LYS A 146 9.01 2.51 21.07
C LYS A 146 10.35 1.83 21.36
N GLN A 147 10.72 0.85 20.54
CA GLN A 147 11.98 0.15 20.73
C GLN A 147 13.14 0.84 20.03
N GLY A 148 12.87 1.95 19.35
CA GLY A 148 13.93 2.68 18.69
C GLY A 148 13.67 3.11 17.26
N LYS A 149 13.29 2.16 16.42
CA LYS A 149 13.02 2.45 15.01
C LYS A 149 11.52 2.47 14.76
N LYS A 150 11.03 3.58 14.19
CA LYS A 150 9.61 3.72 13.93
C LYS A 150 9.07 2.71 12.93
N VAL A 151 7.92 2.15 13.27
CA VAL A 151 7.25 1.21 12.38
C VAL A 151 6.15 2.00 11.68
N TYR A 152 6.37 2.35 10.43
CA TYR A 152 5.39 3.12 9.68
C TYR A 152 4.12 2.31 9.42
N LEU A 153 3.00 3.01 9.38
CA LEU A 153 1.70 2.39 9.13
C LEU A 153 1.05 3.10 7.95
N THR A 154 0.71 2.33 6.92
CA THR A 154 0.06 2.89 5.73
C THR A 154 -1.18 2.07 5.42
N ALA A 155 -2.11 2.65 4.67
CA ALA A 155 -3.34 1.96 4.34
C ALA A 155 -3.82 2.26 2.93
N ALA A 156 -4.44 1.26 2.31
CA ALA A 156 -4.97 1.38 0.96
C ALA A 156 -6.46 1.08 0.94
N PRO A 157 -7.25 1.89 1.67
CA PRO A 157 -8.70 1.67 1.71
C PRO A 157 -9.29 2.03 0.36
N GLN A 158 -10.42 1.43 -0.01
CA GLN A 158 -11.08 1.79 -1.25
C GLN A 158 -11.77 3.11 -1.00
N CYS A 159 -12.09 3.85 -2.06
CA CYS A 159 -12.65 5.18 -1.89
C CYS A 159 -13.99 5.36 -1.17
N PRO A 160 -14.84 4.31 -1.09
CA PRO A 160 -16.09 4.54 -0.37
C PRO A 160 -15.77 4.85 1.10
N PHE A 161 -16.24 6.00 1.59
CA PHE A 161 -15.96 6.41 2.96
C PHE A 161 -17.20 6.36 3.85
N PRO A 162 -17.06 5.80 5.07
CA PRO A 162 -15.83 5.22 5.60
C PRO A 162 -15.59 3.80 5.06
N ASP A 163 -14.33 3.39 5.03
CA ASP A 163 -14.00 2.06 4.54
C ASP A 163 -14.51 1.02 5.53
N ARG A 164 -15.22 0.02 5.00
CA ARG A 164 -15.82 -1.01 5.84
C ARG A 164 -14.81 -1.83 6.65
N TYR A 165 -13.59 -1.98 6.13
CA TYR A 165 -12.59 -2.77 6.83
C TYR A 165 -11.54 -1.97 7.60
N LEU A 166 -11.13 -0.83 7.04
CA LEU A 166 -10.08 -0.01 7.66
C LEU A 166 -10.59 1.25 8.35
N GLY A 167 -11.90 1.45 8.35
CA GLY A 167 -12.47 2.63 8.99
C GLY A 167 -12.04 2.87 10.42
N THR A 168 -12.16 1.85 11.26
CA THR A 168 -11.80 1.97 12.67
C THR A 168 -10.29 2.12 12.86
N ALA A 169 -9.52 1.36 12.08
CA ALA A 169 -8.07 1.42 12.17
C ALA A 169 -7.58 2.84 11.85
N LEU A 170 -8.19 3.44 10.83
CA LEU A 170 -7.82 4.80 10.44
C LEU A 170 -8.24 5.83 11.48
N ASN A 171 -9.27 5.51 12.26
CA ASN A 171 -9.75 6.42 13.30
C ASN A 171 -8.79 6.52 14.48
N THR A 172 -7.82 5.62 14.55
CA THR A 172 -6.85 5.63 15.64
C THR A 172 -5.88 6.81 15.46
N GLY A 173 -5.76 7.28 14.22
CA GLY A 173 -4.86 8.39 13.93
C GLY A 173 -3.40 7.94 13.90
N LEU A 174 -3.19 6.63 13.86
CA LEU A 174 -1.83 6.08 13.86
C LEU A 174 -1.22 5.90 12.47
N PHE A 175 -1.99 6.12 11.41
CA PHE A 175 -1.45 5.94 10.07
C PHE A 175 -0.72 7.15 9.51
N ASP A 176 0.45 6.88 8.93
CA ASP A 176 1.31 7.92 8.36
C ASP A 176 0.88 8.28 6.95
N TYR A 177 0.66 7.25 6.13
CA TYR A 177 0.27 7.46 4.74
C TYR A 177 -0.97 6.66 4.38
N VAL A 178 -1.94 7.34 3.77
CA VAL A 178 -3.17 6.69 3.36
C VAL A 178 -3.41 6.92 1.88
N TRP A 179 -3.22 5.88 1.07
CA TRP A 179 -3.47 6.00 -0.35
C TRP A 179 -4.82 5.36 -0.68
N VAL A 180 -5.84 6.21 -0.74
CA VAL A 180 -7.19 5.78 -1.04
C VAL A 180 -7.29 5.31 -2.49
N GLN A 181 -7.90 4.15 -2.69
CA GLN A 181 -8.04 3.58 -4.02
C GLN A 181 -9.30 4.09 -4.72
N PHE A 182 -9.10 5.05 -5.61
CA PHE A 182 -10.22 5.64 -6.35
C PHE A 182 -10.47 4.91 -7.67
N PHE A 183 -10.68 3.60 -7.58
CA PHE A 183 -11.00 2.77 -8.74
C PHE A 183 -11.71 1.49 -8.29
N ASN A 184 -12.35 0.81 -9.23
CA ASN A 184 -13.15 -0.38 -8.93
C ASN A 184 -14.27 0.01 -7.96
N ASN A 185 -14.67 1.28 -8.04
CA ASN A 185 -15.73 1.83 -7.19
C ASN A 185 -16.37 3.02 -7.87
N PRO A 186 -17.37 2.76 -8.74
CA PRO A 186 -18.09 3.77 -9.52
C PRO A 186 -18.55 5.05 -8.78
N PRO A 187 -19.11 4.92 -7.58
CA PRO A 187 -19.58 6.09 -6.84
C PRO A 187 -18.54 7.13 -6.45
N CYS A 188 -17.27 6.72 -6.38
CA CYS A 188 -16.23 7.66 -5.98
C CYS A 188 -14.99 7.71 -6.87
N GLN A 189 -15.12 7.19 -8.10
CA GLN A 189 -14.00 7.19 -9.03
C GLN A 189 -14.29 8.08 -10.22
N TYR A 190 -13.31 8.20 -11.11
CA TYR A 190 -13.46 9.01 -12.30
C TYR A 190 -14.31 8.28 -13.34
N SER A 191 -15.18 9.04 -13.99
CA SER A 191 -16.01 8.54 -15.08
C SER A 191 -15.81 9.52 -16.22
N SER A 192 -15.86 9.03 -17.44
CA SER A 192 -15.66 9.86 -18.62
C SER A 192 -16.27 11.25 -18.51
N GLY A 193 -15.41 12.26 -18.49
CA GLY A 193 -15.85 13.64 -18.43
C GLY A 193 -16.41 14.12 -17.09
N ASN A 194 -16.39 13.24 -16.09
CA ASN A 194 -16.91 13.60 -14.77
C ASN A 194 -15.92 13.36 -13.64
N ILE A 195 -15.48 14.45 -13.01
CA ILE A 195 -14.53 14.36 -11.90
C ILE A 195 -15.23 14.66 -10.57
N ASN A 196 -16.52 14.94 -10.63
CA ASN A 196 -17.29 15.28 -9.44
C ASN A 196 -17.28 14.19 -8.36
N ASN A 197 -17.43 12.94 -8.76
CA ASN A 197 -17.45 11.84 -7.80
C ASN A 197 -16.10 11.65 -7.10
N ILE A 198 -15.01 11.79 -7.85
CA ILE A 198 -13.70 11.61 -7.26
C ILE A 198 -13.29 12.77 -6.37
N ILE A 199 -13.61 13.99 -6.78
CA ILE A 199 -13.29 15.16 -5.98
C ILE A 199 -14.13 15.16 -4.71
N ASN A 200 -15.40 14.81 -4.85
CA ASN A 200 -16.31 14.76 -3.71
C ASN A 200 -15.81 13.74 -2.70
N SER A 201 -15.32 12.60 -3.20
CA SER A 201 -14.80 11.54 -2.36
C SER A 201 -13.50 12.00 -1.70
N TRP A 202 -12.65 12.65 -2.49
CA TRP A 202 -11.38 13.16 -1.99
C TRP A 202 -11.62 14.09 -0.80
N ASN A 203 -12.66 14.91 -0.89
CA ASN A 203 -12.96 15.85 0.19
C ASN A 203 -13.39 15.14 1.47
N ARG A 204 -14.09 14.02 1.33
CA ARG A 204 -14.51 13.27 2.51
C ARG A 204 -13.30 12.70 3.23
N TRP A 205 -12.34 12.19 2.46
CA TRP A 205 -11.13 11.59 3.02
C TRP A 205 -10.13 12.58 3.60
N THR A 206 -10.10 13.80 3.07
CA THR A 206 -9.16 14.79 3.56
C THR A 206 -9.72 15.74 4.62
N THR A 207 -10.99 15.54 4.97
CA THR A 207 -11.62 16.37 6.00
C THR A 207 -12.19 15.50 7.10
N SER A 208 -11.58 14.34 7.32
CA SER A 208 -12.06 13.42 8.34
C SER A 208 -10.95 12.81 9.18
N ILE A 209 -10.42 11.68 8.72
CA ILE A 209 -9.38 10.97 9.45
C ILE A 209 -8.10 11.78 9.65
N ASN A 210 -7.39 11.46 10.71
CA ASN A 210 -6.12 12.10 11.01
C ASN A 210 -5.00 11.17 10.59
N ALA A 211 -4.35 11.51 9.48
CA ALA A 211 -3.24 10.71 8.97
C ALA A 211 -2.12 11.67 8.57
N GLY A 212 -0.93 11.14 8.37
CA GLY A 212 0.19 11.97 7.99
C GLY A 212 -0.07 12.66 6.66
N LYS A 213 -0.31 11.86 5.63
CA LYS A 213 -0.56 12.37 4.29
C LYS A 213 -1.54 11.46 3.55
N ILE A 214 -2.37 12.05 2.71
CA ILE A 214 -3.35 11.29 1.93
C ILE A 214 -2.99 11.35 0.45
N PHE A 215 -3.00 10.18 -0.19
CA PHE A 215 -2.64 10.09 -1.60
C PHE A 215 -3.82 9.67 -2.48
N LEU A 216 -3.75 10.06 -3.75
CA LEU A 216 -4.79 9.72 -4.73
C LEU A 216 -4.40 8.42 -5.42
N GLY A 217 -5.05 7.32 -5.05
CA GLY A 217 -4.75 6.02 -5.64
C GLY A 217 -5.47 5.78 -6.95
N LEU A 218 -4.72 5.42 -7.99
CA LEU A 218 -5.30 5.19 -9.31
C LEU A 218 -4.70 3.99 -10.03
N PRO A 219 -5.40 3.50 -11.07
CA PRO A 219 -4.92 2.37 -11.86
C PRO A 219 -3.89 2.94 -12.83
N ALA A 220 -2.75 2.27 -12.98
CA ALA A 220 -1.70 2.76 -13.87
C ALA A 220 -2.06 2.61 -15.33
N ALA A 221 -3.11 1.85 -15.61
CA ALA A 221 -3.56 1.62 -16.98
C ALA A 221 -4.96 1.03 -16.99
N PRO A 222 -5.65 1.09 -18.14
CA PRO A 222 -7.01 0.54 -18.24
C PRO A 222 -7.07 -0.93 -17.84
N GLU A 223 -6.00 -1.67 -18.11
CA GLU A 223 -5.94 -3.10 -17.80
C GLU A 223 -5.75 -3.38 -16.30
N ALA A 224 -5.19 -2.40 -15.58
CA ALA A 224 -4.90 -2.56 -14.16
C ALA A 224 -6.12 -2.69 -13.26
N ALA A 225 -7.30 -2.32 -13.77
CA ALA A 225 -8.51 -2.40 -12.96
C ALA A 225 -9.76 -2.60 -13.81
N GLY A 226 -10.86 -2.97 -13.15
CA GLY A 226 -12.11 -3.17 -13.86
C GLY A 226 -12.65 -1.85 -14.39
N SER A 227 -12.43 -0.78 -13.64
CA SER A 227 -12.88 0.55 -14.04
C SER A 227 -12.24 1.63 -13.16
N GLY A 228 -12.33 2.88 -13.59
CA GLY A 228 -11.78 3.98 -12.81
C GLY A 228 -10.50 4.60 -13.36
N TYR A 229 -10.02 4.11 -14.49
CA TYR A 229 -8.80 4.64 -15.08
C TYR A 229 -8.99 6.12 -15.45
N VAL A 230 -7.93 6.90 -15.28
CA VAL A 230 -7.97 8.31 -15.60
C VAL A 230 -6.82 8.67 -16.55
N PRO A 231 -7.14 9.16 -17.75
CA PRO A 231 -6.08 9.51 -18.69
C PRO A 231 -5.14 10.54 -18.04
N PRO A 232 -3.83 10.40 -18.27
CA PRO A 232 -2.82 11.30 -17.70
C PRO A 232 -3.17 12.79 -17.85
N ASP A 233 -3.62 13.19 -19.03
CA ASP A 233 -3.96 14.58 -19.29
C ASP A 233 -5.09 15.07 -18.41
N VAL A 234 -6.10 14.23 -18.20
CA VAL A 234 -7.24 14.61 -17.36
C VAL A 234 -6.78 14.78 -15.92
N LEU A 235 -5.96 13.84 -15.44
CA LEU A 235 -5.45 13.89 -14.08
C LEU A 235 -4.67 15.17 -13.84
N ILE A 236 -3.77 15.49 -14.77
CA ILE A 236 -2.92 16.66 -14.69
C ILE A 236 -3.64 17.99 -14.78
N SER A 237 -4.57 18.11 -15.73
CA SER A 237 -5.27 19.37 -15.94
C SER A 237 -6.57 19.56 -15.16
N ARG A 238 -7.21 18.48 -14.75
CA ARG A 238 -8.47 18.60 -14.03
C ARG A 238 -8.45 18.20 -12.56
N ILE A 239 -7.77 17.12 -12.23
CA ILE A 239 -7.77 16.62 -10.86
C ILE A 239 -6.66 17.16 -9.96
N LEU A 240 -5.41 17.05 -10.39
CA LEU A 240 -4.29 17.51 -9.57
C LEU A 240 -4.36 18.99 -9.15
N PRO A 241 -4.77 19.88 -10.06
CA PRO A 241 -4.85 21.30 -9.70
C PRO A 241 -5.77 21.56 -8.52
N GLU A 242 -6.67 20.62 -8.26
CA GLU A 242 -7.62 20.75 -7.16
C GLU A 242 -7.13 20.09 -5.87
N ILE A 243 -6.84 18.80 -5.93
CA ILE A 243 -6.42 18.05 -4.75
C ILE A 243 -5.09 18.50 -4.15
N LYS A 244 -4.20 19.06 -4.97
CA LYS A 244 -2.91 19.51 -4.47
C LYS A 244 -3.04 20.73 -3.56
N LYS A 245 -4.23 21.34 -3.56
CA LYS A 245 -4.49 22.49 -2.70
C LYS A 245 -4.57 22.06 -1.24
N SER A 246 -5.03 20.82 -1.03
CA SER A 246 -5.19 20.30 0.32
C SER A 246 -3.83 20.14 1.01
N PRO A 247 -3.74 20.60 2.27
CA PRO A 247 -2.48 20.49 3.02
C PRO A 247 -2.16 19.05 3.41
N LYS A 248 -3.12 18.15 3.22
CA LYS A 248 -2.91 16.74 3.56
C LYS A 248 -2.43 15.96 2.34
N TYR A 249 -2.50 16.59 1.17
CA TYR A 249 -2.08 15.98 -0.08
C TYR A 249 -0.65 15.42 0.01
N GLY A 250 -0.51 14.11 -0.21
CA GLY A 250 0.80 13.50 -0.15
C GLY A 250 1.33 13.11 -1.51
N GLY A 251 0.43 12.98 -2.48
CA GLY A 251 0.85 12.60 -3.81
C GLY A 251 -0.10 11.61 -4.45
N VAL A 252 0.43 10.75 -5.31
CA VAL A 252 -0.38 9.77 -6.03
C VAL A 252 0.14 8.34 -5.81
N MET A 253 -0.79 7.39 -5.75
CA MET A 253 -0.45 5.98 -5.60
C MET A 253 -0.91 5.26 -6.87
N LEU A 254 -0.12 4.31 -7.34
CA LEU A 254 -0.47 3.59 -8.56
C LEU A 254 -0.44 2.08 -8.43
N TRP A 255 -1.44 1.45 -9.05
CA TRP A 255 -1.48 0.00 -9.14
C TRP A 255 -1.43 -0.30 -10.63
N SER A 256 -0.33 -0.86 -11.12
CA SER A 256 0.84 -1.20 -10.31
C SER A 256 2.09 -1.00 -11.18
N LYS A 257 3.24 -1.45 -10.67
CA LYS A 257 4.51 -1.30 -11.41
C LYS A 257 4.41 -1.87 -12.83
N PHE A 258 3.87 -3.08 -12.94
CA PHE A 258 3.72 -3.73 -14.24
C PHE A 258 2.96 -2.87 -15.25
N TYR A 259 1.75 -2.45 -14.87
CA TYR A 259 0.92 -1.65 -15.75
C TYR A 259 1.44 -0.23 -15.92
N ASP A 260 2.26 0.22 -14.98
CA ASP A 260 2.82 1.56 -15.06
C ASP A 260 3.81 1.62 -16.22
N ASP A 261 4.66 0.60 -16.35
CA ASP A 261 5.64 0.56 -17.43
C ASP A 261 4.94 0.42 -18.79
N LYS A 262 3.93 -0.44 -18.82
CA LYS A 262 3.18 -0.70 -20.04
C LYS A 262 2.47 0.54 -20.58
N ASN A 263 1.95 1.36 -19.67
CA ASN A 263 1.21 2.55 -20.07
C ASN A 263 2.00 3.84 -19.88
N GLY A 264 3.19 3.74 -19.28
CA GLY A 264 4.03 4.90 -19.05
C GLY A 264 3.32 6.01 -18.28
N TYR A 265 2.55 5.63 -17.27
CA TYR A 265 1.76 6.57 -16.49
C TYR A 265 2.58 7.52 -15.62
N SER A 266 3.37 6.97 -14.69
CA SER A 266 4.18 7.80 -13.80
C SER A 266 5.18 8.63 -14.59
N SER A 267 5.59 8.12 -15.74
CA SER A 267 6.55 8.83 -16.59
C SER A 267 5.94 10.13 -17.11
N SER A 268 4.61 10.14 -17.24
CA SER A 268 3.91 11.32 -17.74
C SER A 268 3.43 12.29 -16.65
N ILE A 269 3.14 11.77 -15.47
CA ILE A 269 2.60 12.62 -14.40
C ILE A 269 3.55 13.00 -13.26
N LEU A 270 4.68 12.30 -13.15
CA LEU A 270 5.62 12.54 -12.06
C LEU A 270 5.91 13.99 -11.69
N ASP A 271 6.21 14.82 -12.68
CA ASP A 271 6.53 16.22 -12.40
C ASP A 271 5.35 17.02 -11.87
N SER A 272 4.14 16.61 -12.21
CA SER A 272 2.94 17.31 -11.77
C SER A 272 2.48 16.86 -10.39
N VAL A 273 2.98 15.72 -9.93
CA VAL A 273 2.60 15.20 -8.62
C VAL A 273 3.28 15.99 -7.51
C1 NAG B . -6.40 -3.32 -6.22
C2 NAG B . -5.69 -4.40 -5.39
C3 NAG B . -5.03 -5.48 -6.27
C4 NAG B . -5.86 -5.88 -7.51
C5 NAG B . -6.49 -4.66 -8.16
C6 NAG B . -7.43 -5.00 -9.30
C7 NAG B . -4.84 -3.45 -3.33
C8 NAG B . -3.79 -2.59 -2.66
N2 NAG B . -4.64 -3.77 -4.60
O1 NAG B . -7.20 -2.55 -5.38
O3 NAG B . -4.82 -6.64 -5.48
O4 NAG B . -4.99 -6.51 -8.47
O5 NAG B . -7.24 -3.92 -7.20
O6 NAG B . -7.79 -3.84 -10.03
O7 NAG B . -5.82 -3.84 -2.69
C1 NAG B . -4.99 -7.89 -8.55
C2 NAG B . -4.27 -8.32 -9.84
C3 NAG B . -4.10 -9.84 -9.88
C4 NAG B . -3.43 -10.32 -8.60
C5 NAG B . -4.22 -9.84 -7.37
C6 NAG B . -3.55 -10.23 -6.07
C7 NAG B . -4.60 -6.88 -11.75
C8 NAG B . -5.45 -6.49 -12.96
N2 NAG B . -5.04 -7.88 -10.99
O3 NAG B . -3.30 -10.19 -11.00
O4 NAG B . -3.35 -11.77 -8.58
O5 NAG B . -4.30 -8.40 -7.40
O6 NAG B . -4.31 -9.78 -4.95
O7 NAG B . -3.56 -6.27 -11.52
C1 NAG B . -2.12 -12.28 -8.96
C2 NAG B . -1.81 -13.55 -8.18
C3 NAG B . -0.48 -14.14 -8.66
C4 NAG B . -0.38 -14.22 -10.20
C5 NAG B . -0.89 -12.94 -10.87
C6 NAG B . -1.03 -13.08 -12.38
C7 NAG B . -2.38 -13.89 -5.84
C8 NAG B . -2.20 -13.47 -4.40
N2 NAG B . -1.70 -13.21 -6.76
O3 NAG B . -0.32 -15.44 -8.11
O4 NAG B . 1.00 -14.41 -10.58
O5 NAG B . -2.18 -12.58 -10.35
O6 NAG B . -1.94 -14.11 -12.71
O7 NAG B . -3.13 -14.84 -6.12
C1 NAG B . 1.42 -15.70 -10.83
C2 NAG B . 2.68 -15.65 -11.69
C3 NAG B . 3.19 -17.08 -11.93
C4 NAG B . 3.40 -17.80 -10.59
C5 NAG B . 2.13 -17.70 -9.72
C6 NAG B . 2.35 -18.24 -8.31
C7 NAG B . 2.98 -13.84 -13.24
C8 NAG B . 2.53 -13.14 -14.52
N2 NAG B . 2.41 -15.01 -12.96
O3 NAG B . 4.42 -17.03 -12.63
O4 NAG B . 3.69 -19.19 -10.84
O5 NAG B . 1.72 -16.32 -9.58
O6 NAG B . 1.18 -18.10 -7.52
O7 NAG B . 3.85 -13.33 -12.54
C1 NAG B . 4.98 -19.61 -10.62
C2 NAG B . 4.99 -21.13 -10.41
C3 NAG B . 6.43 -21.62 -10.23
C4 NAG B . 7.28 -21.17 -11.43
C5 NAG B . 7.16 -19.66 -11.66
C6 NAG B . 7.86 -19.22 -12.92
C7 NAG B . 2.86 -21.61 -9.40
C8 NAG B . 2.05 -21.79 -8.13
N2 NAG B . 4.18 -21.47 -9.26
O3 NAG B . 6.44 -23.03 -10.14
O4 NAG B . 8.64 -21.52 -11.20
O5 NAG B . 5.77 -19.28 -11.78
O6 NAG B . 7.62 -17.85 -13.19
O7 NAG B . 2.30 -21.61 -10.49
S SO4 C . -10.49 -12.03 21.97
O1 SO4 C . -11.00 -11.11 20.93
O2 SO4 C . -10.66 -11.41 23.30
O3 SO4 C . -11.25 -13.30 21.93
O4 SO4 C . -9.06 -12.30 21.71
S SO4 D . 15.26 -7.83 -6.04
O1 SO4 D . 15.55 -6.41 -6.32
O2 SO4 D . 15.18 -8.03 -4.58
O3 SO4 D . 16.34 -8.67 -6.58
O4 SO4 D . 13.98 -8.21 -6.66
S SO4 E . -17.11 8.42 -23.66
O1 SO4 E . -17.40 9.85 -23.40
O2 SO4 E . -18.15 7.59 -23.02
O3 SO4 E . -15.79 8.08 -23.11
O4 SO4 E . -17.11 8.18 -25.12
C1 GOL F . 6.76 18.66 -5.83
O1 GOL F . 6.78 17.77 -4.72
C2 GOL F . 5.52 19.57 -5.71
O2 GOL F . 4.55 19.17 -6.70
C3 GOL F . 5.91 21.05 -5.95
O3 GOL F . 6.14 21.35 -7.35
C1 GOL G . 15.02 4.38 4.87
O1 GOL G . 14.94 3.30 5.81
C2 GOL G . 13.70 5.20 4.96
O2 GOL G . 12.77 4.70 3.99
C3 GOL G . 13.99 6.70 4.65
O3 GOL G . 12.79 7.47 4.48
C1 GOL H . 8.64 2.58 -19.50
O1 GOL H . 7.27 2.91 -19.80
C2 GOL H . 9.06 3.28 -18.18
O2 GOL H . 8.03 3.05 -17.18
C3 GOL H . 9.21 4.81 -18.42
O3 GOL H . 9.46 5.55 -17.21
C1 GOL I . 19.52 -13.02 3.28
O1 GOL I . 18.57 -12.48 4.22
C2 GOL I . 19.50 -12.12 2.01
O2 GOL I . 19.94 -10.80 2.37
C3 GOL I . 20.48 -12.71 0.95
O3 GOL I . 20.63 -11.87 -0.20
C1 GOL J . 12.31 15.61 -10.55
O1 GOL J . 12.00 16.95 -11.02
C2 GOL J . 11.21 15.21 -9.52
O2 GOL J . 11.66 14.04 -8.80
C3 GOL J . 9.90 14.85 -10.26
O3 GOL J . 9.18 16.03 -10.70
#